data_3OEK
#
_entry.id   3OEK
#
_cell.length_a   59.728
_cell.length_b   114.062
_cell.length_c   94.928
_cell.angle_alpha   90.00
_cell.angle_beta   90.00
_cell.angle_gamma   90.00
#
_symmetry.space_group_name_H-M   'C 2 2 21'
#
loop_
_entity.id
_entity.type
_entity.pdbx_description
1 polymer 'Glutamate [NMDA] receptor subunit epsilon-4'
2 non-polymer 'ASPARTIC ACID'
3 water water
#
_entity_poly.entity_id   1
_entity_poly.type   'polypeptide(L)'
_entity_poly.pdbx_seq_one_letter_code
;GDDTQHLTVATLEERPFVIVEPADPISGTCIRDSVPCRSQLNRTHSPPPDAPRPEKRCCKGFCIDILKRLAHTIGFSYDL
YLVTNGKHGKKIDGVWNGMIGEVFYQRADMAIGSLTINEERSEIVDFSVPFVETGISVMVARGTTVSGLSDRKFQRPQEQ
YPPLKFGTVPNGSTEKNIRSNYPDMHSYMVRYNQPRVEEALTQLKAGKLDAFIYDAAVLNYMARKDEGCKLVTIGSGKVF
ATTGYGIALHKGSRWKRPIDLALLQFLGDDEIEMLERLWLSGICHN
;
_entity_poly.pdbx_strand_id   A
#
# COMPACT_ATOMS: atom_id res chain seq x y z
N GLN A 5 -1.68 26.77 -5.14
CA GLN A 5 -1.72 26.30 -6.51
C GLN A 5 -0.57 25.36 -6.86
N HIS A 6 0.45 25.34 -6.01
CA HIS A 6 1.54 24.38 -6.15
C HIS A 6 1.65 23.53 -4.91
N LEU A 7 1.48 22.22 -5.08
CA LEU A 7 1.45 21.30 -3.94
C LEU A 7 2.70 20.44 -3.91
N THR A 8 3.19 20.18 -2.70
CA THR A 8 4.29 19.24 -2.51
C THR A 8 3.66 17.90 -2.14
N VAL A 9 3.99 16.85 -2.87
CA VAL A 9 3.29 15.58 -2.73
C VAL A 9 4.27 14.48 -2.37
N ALA A 10 4.00 13.78 -1.27
CA ALA A 10 4.85 12.67 -0.87
C ALA A 10 4.29 11.35 -1.39
N THR A 11 5.16 10.46 -1.83
CA THR A 11 4.71 9.13 -2.22
C THR A 11 5.74 8.06 -1.81
N LEU A 12 5.49 6.82 -2.21
CA LEU A 12 6.30 5.71 -1.77
C LEU A 12 6.14 4.59 -2.76
N GLU A 13 7.23 3.92 -3.12
CA GLU A 13 7.11 2.86 -4.12
C GLU A 13 6.40 1.65 -3.54
N GLU A 14 5.35 1.21 -4.23
CA GLU A 14 4.69 -0.04 -3.90
C GLU A 14 3.96 -0.51 -5.13
N ARG A 15 4.59 -1.39 -5.90
CA ARG A 15 4.04 -1.76 -7.18
C ARG A 15 2.74 -2.54 -6.98
N PRO A 16 1.75 -2.33 -7.85
CA PRO A 16 1.72 -1.49 -9.06
C PRO A 16 1.07 -0.14 -8.80
N PHE A 17 0.92 0.24 -7.54
CA PHE A 17 0.30 1.53 -7.23
C PHE A 17 1.25 2.69 -7.47
N VAL A 18 2.50 2.49 -7.09
CA VAL A 18 3.56 3.45 -7.39
C VAL A 18 4.78 2.63 -7.79
N ILE A 19 5.27 2.90 -8.99
CA ILE A 19 6.42 2.21 -9.57
C ILE A 19 7.50 3.24 -9.91
N VAL A 20 8.73 2.97 -9.48
CA VAL A 20 9.83 3.90 -9.70
C VAL A 20 10.83 3.32 -10.68
N GLU A 21 11.28 4.14 -11.61
CA GLU A 21 12.22 3.71 -12.65
C GLU A 21 13.18 4.86 -12.96
N PRO A 22 14.35 4.56 -13.53
CA PRO A 22 15.29 5.62 -13.87
C PRO A 22 14.72 6.43 -15.03
N ALA A 23 15.22 7.64 -15.25
CA ALA A 23 14.90 8.38 -16.47
C ALA A 23 15.39 7.60 -17.70
N ASP A 24 14.72 7.79 -18.83
CA ASP A 24 15.12 7.19 -20.10
C ASP A 24 16.57 7.58 -20.39
N PRO A 25 17.45 6.59 -20.51
CA PRO A 25 18.88 6.84 -20.73
C PRO A 25 19.11 7.75 -21.95
N ILE A 26 18.35 7.51 -23.01
CA ILE A 26 18.54 8.24 -24.26
C ILE A 26 18.24 9.73 -24.14
N SER A 27 17.04 10.04 -23.66
CA SER A 27 16.59 11.43 -23.58
C SER A 27 16.96 12.10 -22.27
N GLY A 28 17.18 11.31 -21.23
CA GLY A 28 17.39 11.84 -19.89
C GLY A 28 16.11 12.38 -19.29
N THR A 29 14.97 12.04 -19.89
CA THR A 29 13.70 12.50 -19.35
C THR A 29 12.81 11.33 -18.98
N CYS A 30 11.73 11.62 -18.26
CA CYS A 30 10.73 10.61 -17.96
C CYS A 30 9.80 10.55 -19.15
N ILE A 31 9.84 9.44 -19.87
CA ILE A 31 8.97 9.29 -21.02
C ILE A 31 7.77 8.41 -20.71
N ARG A 32 6.93 8.18 -21.71
CA ARG A 32 5.69 7.45 -21.54
C ARG A 32 4.76 8.12 -20.53
N ASP A 33 4.18 7.31 -19.67
CA ASP A 33 3.18 7.79 -18.73
C ASP A 33 3.81 8.17 -17.38
N SER A 34 5.13 8.32 -17.34
CA SER A 34 5.82 8.55 -16.07
C SER A 34 5.95 10.01 -15.78
N VAL A 35 6.12 10.34 -14.50
CA VAL A 35 6.41 11.72 -14.12
C VAL A 35 7.65 11.79 -13.24
N PRO A 36 8.35 12.92 -13.26
CA PRO A 36 9.54 13.11 -12.43
C PRO A 36 9.22 12.99 -10.95
N CYS A 37 10.07 12.30 -10.22
CA CYS A 37 9.97 12.27 -8.77
C CYS A 37 11.36 12.21 -8.18
N ARG A 38 11.59 12.99 -7.12
CA ARG A 38 12.88 13.02 -6.46
C ARG A 38 12.84 12.20 -5.17
N SER A 39 14.00 12.02 -4.54
CA SER A 39 14.06 11.32 -3.27
C SER A 39 13.97 12.29 -2.11
N GLN A 40 13.35 11.88 -1.02
CA GLN A 40 13.35 12.71 0.19
C GLN A 40 14.78 13.02 0.60
N LEU A 41 15.67 12.04 0.48
CA LEU A 41 17.09 12.25 0.81
C LEU A 41 17.68 13.43 0.04
N ASN A 42 17.31 13.57 -1.22
CA ASN A 42 17.73 14.69 -2.05
C ASN A 42 16.84 15.92 -1.83
N ARG A 43 17.45 17.09 -1.73
CA ARG A 43 16.75 18.35 -1.47
C ARG A 43 16.36 18.50 0.00
N GLU A 55 13.29 15.06 -13.74
CA GLU A 55 13.59 13.69 -14.15
C GLU A 55 14.45 13.00 -13.09
N LYS A 56 15.55 12.34 -13.51
CA LYS A 56 16.42 11.57 -12.61
C LYS A 56 15.79 10.23 -12.19
N ARG A 57 14.81 10.27 -11.29
CA ARG A 57 13.91 9.15 -11.09
C ARG A 57 12.52 9.50 -11.63
N CYS A 58 11.80 8.49 -12.11
CA CYS A 58 10.48 8.69 -12.68
C CYS A 58 9.49 7.73 -12.04
N CYS A 59 8.26 8.19 -11.85
CA CYS A 59 7.22 7.41 -11.16
C CYS A 59 6.02 7.21 -12.07
N LYS A 60 5.42 6.02 -11.99
CA LYS A 60 4.20 5.72 -12.73
C LYS A 60 3.35 4.77 -11.89
N GLY A 61 2.16 4.45 -12.37
CA GLY A 61 1.36 3.44 -11.71
C GLY A 61 -0.04 3.95 -11.43
N PHE A 62 -0.84 3.12 -10.78
CA PHE A 62 -2.25 3.44 -10.54
C PHE A 62 -2.42 4.75 -9.77
N CYS A 63 -1.66 4.92 -8.69
CA CYS A 63 -1.82 6.12 -7.88
C CYS A 63 -1.26 7.35 -8.57
N ILE A 64 -0.24 7.16 -9.40
CA ILE A 64 0.33 8.27 -10.15
C ILE A 64 -0.65 8.76 -11.23
N ASP A 65 -1.38 7.83 -11.85
CA ASP A 65 -2.42 8.22 -12.80
C ASP A 65 -3.55 8.99 -12.12
N ILE A 66 -3.86 8.61 -10.90
CA ILE A 66 -4.85 9.34 -10.10
C ILE A 66 -4.36 10.76 -9.85
N LEU A 67 -3.11 10.87 -9.43
CA LEU A 67 -2.49 12.16 -9.16
C LEU A 67 -2.50 13.04 -10.43
N LYS A 68 -2.16 12.47 -11.57
CA LYS A 68 -2.13 13.25 -12.82
C LYS A 68 -3.50 13.83 -13.12
N ARG A 69 -4.54 13.02 -12.92
CA ARG A 69 -5.91 13.46 -13.20
C ARG A 69 -6.42 14.51 -12.21
N LEU A 70 -6.04 14.37 -10.94
CA LEU A 70 -6.40 15.37 -9.94
C LEU A 70 -5.75 16.72 -10.27
N ALA A 71 -4.46 16.69 -10.61
CA ALA A 71 -3.74 17.93 -10.93
C ALA A 71 -4.41 18.62 -12.10
N HIS A 72 -4.80 17.83 -13.09
CA HIS A 72 -5.41 18.38 -14.28
C HIS A 72 -6.83 18.90 -14.01
N THR A 73 -7.61 18.12 -13.28
CA THR A 73 -9.02 18.47 -13.03
C THR A 73 -9.18 19.64 -12.07
N ILE A 74 -8.36 19.67 -11.03
CA ILE A 74 -8.46 20.71 -10.02
C ILE A 74 -7.60 21.91 -10.42
N GLY A 75 -6.53 21.63 -11.15
CA GLY A 75 -5.65 22.67 -11.66
C GLY A 75 -4.55 23.11 -10.71
N PHE A 76 -3.78 22.16 -10.20
CA PHE A 76 -2.59 22.52 -9.44
C PHE A 76 -1.35 21.95 -10.10
N SER A 77 -0.21 22.55 -9.81
CA SER A 77 1.06 21.93 -10.18
C SER A 77 1.59 21.26 -8.93
N TYR A 78 2.58 20.40 -9.06
CA TYR A 78 3.09 19.68 -7.91
C TYR A 78 4.55 19.27 -8.04
N ASP A 79 5.17 19.06 -6.88
CA ASP A 79 6.51 18.52 -6.72
C ASP A 79 6.31 17.18 -6.04
N LEU A 80 6.71 16.10 -6.71
CA LEU A 80 6.50 14.75 -6.18
C LEU A 80 7.81 14.18 -5.63
N TYR A 81 7.78 13.64 -4.42
CA TYR A 81 8.99 13.04 -3.86
C TYR A 81 8.72 11.72 -3.17
N LEU A 82 9.74 10.87 -3.16
CA LEU A 82 9.64 9.56 -2.54
C LEU A 82 10.12 9.62 -1.10
N VAL A 83 9.32 9.08 -0.18
CA VAL A 83 9.66 9.06 1.23
C VAL A 83 10.78 8.06 1.52
N THR A 84 11.78 8.50 2.28
CA THR A 84 12.87 7.62 2.74
C THR A 84 12.85 7.47 4.26
N ASN A 85 12.14 8.36 4.93
CA ASN A 85 11.99 8.27 6.38
C ASN A 85 10.89 7.28 6.74
N GLY A 86 11.20 5.99 6.66
CA GLY A 86 10.19 4.95 6.85
C GLY A 86 9.34 4.74 5.60
N LYS A 87 8.14 4.19 5.79
CA LYS A 87 7.30 3.82 4.64
C LYS A 87 5.92 4.50 4.68
N HIS A 88 4.87 3.72 4.91
CA HIS A 88 3.53 4.29 4.92
C HIS A 88 3.30 5.22 6.11
N GLY A 89 3.58 4.72 7.30
CA GLY A 89 3.38 5.55 8.49
C GLY A 89 3.32 4.71 9.74
N LYS A 90 4.17 5.04 10.69
CA LYS A 90 4.22 4.33 11.95
C LYS A 90 4.52 5.35 13.02
N LYS A 91 3.82 5.23 14.14
CA LYS A 91 4.04 6.10 15.29
C LYS A 91 4.87 5.36 16.32
N ILE A 92 6.03 5.91 16.67
CA ILE A 92 6.88 5.31 17.68
C ILE A 92 7.33 6.35 18.69
N ASP A 93 7.06 6.08 19.97
CA ASP A 93 7.43 6.99 21.04
C ASP A 93 6.99 8.43 20.74
N GLY A 94 5.75 8.59 20.31
CA GLY A 94 5.17 9.90 20.11
C GLY A 94 5.45 10.59 18.77
N VAL A 95 6.21 9.94 17.89
CA VAL A 95 6.62 10.57 16.62
C VAL A 95 6.20 9.73 15.42
N TRP A 96 5.67 10.38 14.38
CA TRP A 96 5.27 9.67 13.16
C TRP A 96 6.37 9.69 12.13
N ASN A 97 6.58 8.56 11.44
CA ASN A 97 7.40 8.57 10.24
C ASN A 97 6.57 8.26 8.98
N GLY A 98 7.26 8.05 7.86
CA GLY A 98 6.62 7.64 6.63
C GLY A 98 5.78 8.72 5.99
N MET A 99 4.91 8.32 5.06
CA MET A 99 4.05 9.28 4.35
C MET A 99 3.17 10.06 5.35
N ILE A 100 2.65 9.36 6.34
CA ILE A 100 1.81 10.03 7.34
C ILE A 100 2.58 11.13 8.07
N GLY A 101 3.82 10.84 8.47
CA GLY A 101 4.63 11.84 9.13
C GLY A 101 4.90 13.05 8.24
N GLU A 102 5.13 12.83 6.95
CA GLU A 102 5.39 13.95 6.04
C GLU A 102 4.23 14.92 6.00
N VAL A 103 3.01 14.38 5.97
CA VAL A 103 1.82 15.21 5.98
C VAL A 103 1.57 15.83 7.37
N PHE A 104 1.61 15.00 8.41
CA PHE A 104 1.40 15.45 9.79
C PHE A 104 2.33 16.60 10.18
N TYR A 105 3.60 16.49 9.79
CA TYR A 105 4.57 17.51 10.17
C TYR A 105 4.64 18.61 9.12
N GLN A 106 3.71 18.56 8.17
CA GLN A 106 3.55 19.61 7.18
C GLN A 106 4.75 19.78 6.26
N ARG A 107 5.46 18.68 6.01
CA ARG A 107 6.53 18.69 5.02
C ARG A 107 5.95 18.55 3.62
N ALA A 108 4.77 17.94 3.54
CA ALA A 108 4.08 17.72 2.26
C ALA A 108 2.65 18.17 2.43
N ASP A 109 2.05 18.69 1.37
CA ASP A 109 0.64 19.06 1.39
C ASP A 109 -0.28 17.85 1.31
N MET A 110 0.20 16.78 0.69
CA MET A 110 -0.59 15.58 0.61
C MET A 110 0.32 14.38 0.41
N ALA A 111 -0.19 13.19 0.67
CA ALA A 111 0.56 11.98 0.37
C ALA A 111 -0.37 11.05 -0.40
N ILE A 112 0.12 10.50 -1.49
CA ILE A 112 -0.69 9.56 -2.24
C ILE A 112 0.10 8.31 -2.55
N GLY A 113 -0.56 7.17 -2.47
CA GLY A 113 0.05 5.90 -2.77
C GLY A 113 -0.88 4.84 -2.24
N SER A 114 -0.32 3.68 -1.95
CA SER A 114 -1.09 2.60 -1.35
C SER A 114 -1.20 2.85 0.16
N LEU A 115 -1.82 3.97 0.52
CA LEU A 115 -1.86 4.41 1.90
C LEU A 115 -3.20 4.09 2.56
N THR A 116 -3.19 3.19 3.54
CA THR A 116 -4.42 2.67 4.11
C THR A 116 -5.01 3.57 5.20
N ILE A 117 -6.32 3.81 5.09
CA ILE A 117 -7.04 4.56 6.11
C ILE A 117 -7.23 3.70 7.35
N ASN A 118 -6.75 4.19 8.48
CA ASN A 118 -7.11 3.57 9.75
C ASN A 118 -7.41 4.63 10.81
N GLU A 119 -7.93 4.19 11.95
CA GLU A 119 -8.40 5.10 12.99
C GLU A 119 -7.28 5.97 13.54
N GLU A 120 -6.16 5.32 13.86
CA GLU A 120 -5.01 6.00 14.39
C GLU A 120 -4.55 7.16 13.48
N ARG A 121 -4.43 6.86 12.19
CA ARG A 121 -3.99 7.88 11.25
C ARG A 121 -5.06 8.96 11.04
N SER A 122 -6.32 8.54 10.96
CA SER A 122 -7.43 9.48 10.74
C SER A 122 -7.59 10.50 11.88
N GLU A 123 -7.06 10.18 13.05
CA GLU A 123 -7.10 11.10 14.17
C GLU A 123 -6.21 12.32 13.93
N ILE A 124 -5.13 12.14 13.18
CA ILE A 124 -4.15 13.22 13.07
C ILE A 124 -3.95 13.80 11.68
N VAL A 125 -4.42 13.10 10.66
CA VAL A 125 -4.47 13.67 9.31
C VAL A 125 -5.87 13.51 8.76
N ASP A 126 -6.24 14.35 7.79
CA ASP A 126 -7.47 14.15 7.06
C ASP A 126 -7.18 13.22 5.89
N PHE A 127 -8.11 12.32 5.58
CA PHE A 127 -8.01 11.52 4.36
C PHE A 127 -9.06 11.96 3.36
N SER A 128 -8.75 11.83 2.07
CA SER A 128 -9.77 11.88 1.04
C SER A 128 -10.74 10.71 1.22
N VAL A 129 -11.86 10.75 0.49
CA VAL A 129 -12.68 9.57 0.36
C VAL A 129 -11.79 8.45 -0.20
N PRO A 130 -12.08 7.19 0.18
CA PRO A 130 -11.26 6.07 -0.31
C PRO A 130 -11.49 5.84 -1.79
N PHE A 131 -10.43 5.48 -2.52
CA PHE A 131 -10.53 5.29 -3.96
C PHE A 131 -10.13 3.87 -4.40
N VAL A 132 -9.65 3.07 -3.45
CA VAL A 132 -9.36 1.66 -3.70
C VAL A 132 -9.81 0.90 -2.48
N GLU A 133 -10.57 -0.17 -2.68
CA GLU A 133 -10.96 -0.99 -1.53
C GLU A 133 -9.82 -1.92 -1.15
N THR A 134 -9.58 -2.05 0.15
CA THR A 134 -8.53 -2.95 0.59
C THR A 134 -8.86 -3.50 1.97
N GLY A 135 -7.88 -4.13 2.59
CA GLY A 135 -8.08 -4.75 3.88
C GLY A 135 -6.89 -5.64 4.09
N ILE A 136 -7.11 -6.80 4.71
CA ILE A 136 -6.03 -7.76 4.93
C ILE A 136 -6.41 -9.11 4.35
N SER A 137 -5.45 -9.74 3.68
CA SER A 137 -5.66 -11.07 3.13
C SER A 137 -4.44 -11.91 3.45
N VAL A 138 -4.53 -13.21 3.16
CA VAL A 138 -3.44 -14.14 3.40
C VAL A 138 -3.07 -14.83 2.11
N MET A 139 -1.80 -14.87 1.80
CA MET A 139 -1.33 -15.53 0.59
C MET A 139 -0.56 -16.80 0.94
N VAL A 140 -0.87 -17.89 0.24
CA VAL A 140 -0.22 -19.17 0.49
C VAL A 140 0.08 -19.80 -0.86
N ALA A 141 0.97 -20.79 -0.87
CA ALA A 141 1.21 -21.59 -2.06
C ALA A 141 -0.03 -22.44 -2.33
N ARG A 142 -0.41 -22.56 -3.60
CA ARG A 142 -1.65 -23.25 -3.95
C ARG A 142 -1.82 -24.59 -3.22
N GLY A 143 -0.72 -25.33 -3.09
CA GLY A 143 -0.75 -26.60 -2.39
C GLY A 143 -1.16 -26.49 -0.92
N THR A 144 -0.54 -25.54 -0.22
CA THR A 144 -0.76 -25.35 1.22
C THR A 144 -2.23 -25.37 1.62
N THR A 145 -2.54 -26.20 2.61
CA THR A 145 -3.91 -26.35 3.09
C THR A 145 -4.12 -25.71 4.45
N VAL A 146 -4.66 -24.50 4.41
CA VAL A 146 -5.20 -23.84 5.58
C VAL A 146 -6.56 -23.29 5.17
N SER A 147 -7.43 -23.02 6.13
CA SER A 147 -8.79 -22.59 5.84
C SER A 147 -8.87 -21.08 5.66
N GLY A 148 -7.87 -20.38 6.17
CA GLY A 148 -7.88 -18.93 6.20
C GLY A 148 -7.39 -18.45 7.55
N LEU A 149 -7.59 -17.17 7.84
CA LEU A 149 -7.05 -16.56 9.05
C LEU A 149 -7.71 -17.03 10.34
N SER A 150 -8.78 -17.81 10.21
CA SER A 150 -9.47 -18.37 11.36
C SER A 150 -8.84 -19.68 11.81
N ASP A 151 -8.03 -20.26 10.92
CA ASP A 151 -7.35 -21.53 11.20
C ASP A 151 -6.52 -21.41 12.47
N ARG A 152 -6.62 -22.40 13.34
CA ARG A 152 -5.84 -22.40 14.58
C ARG A 152 -4.34 -22.47 14.31
N LYS A 153 -3.96 -22.94 13.12
CA LYS A 153 -2.56 -22.91 12.72
C LYS A 153 -2.04 -21.47 12.79
N PHE A 154 -2.94 -20.52 12.53
CA PHE A 154 -2.65 -19.10 12.66
C PHE A 154 -2.92 -18.58 14.06
N GLN A 155 -4.10 -18.94 14.61
CA GLN A 155 -4.61 -18.32 15.84
C GLN A 155 -3.95 -18.84 17.11
N ARG A 156 -3.69 -20.14 17.13
CA ARG A 156 -3.00 -20.79 18.23
C ARG A 156 -1.69 -21.36 17.67
N PRO A 157 -0.79 -20.46 17.23
CA PRO A 157 0.38 -20.82 16.41
C PRO A 157 1.38 -21.77 17.07
N GLN A 158 1.58 -21.65 18.37
CA GLN A 158 2.57 -22.50 19.04
C GLN A 158 1.96 -23.79 19.60
N GLU A 159 0.72 -24.06 19.22
CA GLU A 159 0.04 -25.29 19.62
C GLU A 159 0.38 -26.47 18.69
N GLN A 160 1.04 -26.17 17.57
CA GLN A 160 1.42 -27.19 16.58
C GLN A 160 2.90 -27.57 16.70
N TYR A 161 3.21 -28.84 16.47
CA TYR A 161 4.57 -29.37 16.66
C TYR A 161 5.63 -28.73 15.76
N PRO A 162 5.49 -28.86 14.43
CA PRO A 162 6.25 -27.96 13.56
C PRO A 162 5.36 -26.76 13.25
N PRO A 163 5.67 -25.60 13.84
CA PRO A 163 4.76 -24.45 13.83
C PRO A 163 4.63 -23.82 12.44
N LEU A 164 3.47 -23.26 12.14
CA LEU A 164 3.26 -22.59 10.87
C LEU A 164 4.12 -21.33 10.81
N LYS A 165 4.78 -21.12 9.70
CA LYS A 165 5.62 -19.94 9.54
C LYS A 165 4.85 -18.89 8.75
N PHE A 166 4.47 -17.81 9.43
CA PHE A 166 3.76 -16.76 8.74
C PHE A 166 4.14 -15.37 9.24
N GLY A 167 4.18 -14.43 8.30
CA GLY A 167 4.68 -13.11 8.62
C GLY A 167 4.02 -12.04 7.77
N THR A 168 4.40 -10.81 8.07
CA THR A 168 3.94 -9.66 7.31
C THR A 168 5.14 -8.73 7.10
N VAL A 169 4.93 -7.65 6.35
CA VAL A 169 5.92 -6.58 6.33
C VAL A 169 5.49 -5.64 7.44
N PRO A 170 6.36 -5.45 8.44
CA PRO A 170 5.95 -4.72 9.64
C PRO A 170 5.83 -3.22 9.42
N ASN A 171 5.29 -2.52 10.42
CA ASN A 171 5.29 -1.06 10.54
C ASN A 171 4.09 -0.35 9.93
N GLY A 172 3.23 -1.10 9.24
CA GLY A 172 2.10 -0.51 8.55
C GLY A 172 0.76 -0.87 9.16
N SER A 173 -0.32 -0.60 8.42
CA SER A 173 -1.67 -0.81 8.95
C SER A 173 -1.95 -2.28 9.21
N THR A 174 -1.35 -3.16 8.41
CA THR A 174 -1.56 -4.59 8.63
C THR A 174 -1.03 -5.01 9.99
N GLU A 175 0.24 -4.73 10.25
CA GLU A 175 0.80 -5.11 11.56
C GLU A 175 0.04 -4.43 12.71
N LYS A 176 -0.32 -3.17 12.53
CA LYS A 176 -1.07 -2.46 13.57
C LYS A 176 -2.39 -3.14 13.90
N ASN A 177 -3.13 -3.54 12.88
CA ASN A 177 -4.38 -4.26 13.05
C ASN A 177 -4.20 -5.58 13.80
N ILE A 178 -3.19 -6.36 13.39
CA ILE A 178 -2.94 -7.66 14.05
C ILE A 178 -2.52 -7.47 15.50
N ARG A 179 -1.60 -6.56 15.75
CA ARG A 179 -1.21 -6.27 17.14
C ARG A 179 -2.40 -5.82 18.02
N SER A 180 -3.30 -5.00 17.48
CA SER A 180 -4.43 -4.49 18.25
C SER A 180 -5.52 -5.53 18.51
N ASN A 181 -5.79 -6.37 17.52
CA ASN A 181 -6.91 -7.30 17.59
C ASN A 181 -6.52 -8.74 17.96
N TYR A 182 -5.31 -9.15 17.59
CA TYR A 182 -4.85 -10.51 17.82
C TYR A 182 -3.43 -10.49 18.36
N PRO A 183 -3.26 -9.92 19.56
CA PRO A 183 -1.93 -9.70 20.15
C PRO A 183 -1.11 -10.97 20.29
N ASP A 184 -1.74 -12.12 20.58
CA ASP A 184 -0.97 -13.36 20.71
C ASP A 184 -0.40 -13.79 19.35
N MET A 185 -1.24 -13.76 18.32
CA MET A 185 -0.77 -14.08 16.98
C MET A 185 0.33 -13.11 16.55
N HIS A 186 0.13 -11.82 16.84
CA HIS A 186 1.13 -10.82 16.49
C HIS A 186 2.50 -11.15 17.09
N SER A 187 2.52 -11.50 18.37
CA SER A 187 3.78 -11.78 19.03
C SER A 187 4.51 -12.94 18.36
N TYR A 188 3.75 -13.89 17.86
CA TYR A 188 4.32 -15.04 17.16
C TYR A 188 4.91 -14.67 15.79
N MET A 189 4.30 -13.70 15.13
CA MET A 189 4.66 -13.32 13.76
C MET A 189 5.94 -12.52 13.65
N VAL A 190 6.32 -11.89 14.74
CA VAL A 190 7.45 -10.96 14.77
C VAL A 190 8.74 -11.54 14.17
N ARG A 191 9.06 -12.77 14.51
CA ARG A 191 10.27 -13.40 13.98
C ARG A 191 10.21 -13.64 12.47
N TYR A 192 9.02 -13.53 11.89
CA TYR A 192 8.83 -13.78 10.46
C TYR A 192 8.59 -12.49 9.65
N ASN A 193 8.80 -11.34 10.29
CA ASN A 193 8.76 -10.07 9.57
C ASN A 193 9.57 -10.12 8.28
N GLN A 194 9.04 -9.51 7.22
CA GLN A 194 9.75 -9.44 5.94
C GLN A 194 10.04 -7.99 5.59
N PRO A 195 11.13 -7.74 4.86
CA PRO A 195 11.50 -6.33 4.61
C PRO A 195 10.71 -5.64 3.50
N ARG A 196 10.31 -6.39 2.48
CA ARG A 196 9.48 -5.89 1.39
C ARG A 196 8.60 -7.02 0.89
N VAL A 197 7.59 -6.70 0.10
CA VAL A 197 6.73 -7.72 -0.47
C VAL A 197 7.51 -8.68 -1.37
N GLU A 198 8.48 -8.15 -2.09
CA GLU A 198 9.26 -8.98 -3.00
C GLU A 198 9.98 -10.12 -2.25
N GLU A 199 10.60 -9.80 -1.11
CA GLU A 199 11.27 -10.84 -0.36
C GLU A 199 10.26 -11.80 0.28
N ALA A 200 9.14 -11.28 0.77
CA ALA A 200 8.11 -12.15 1.31
C ALA A 200 7.67 -13.18 0.27
N LEU A 201 7.41 -12.75 -0.96
CA LEU A 201 6.98 -13.68 -2.02
C LEU A 201 8.04 -14.74 -2.31
N THR A 202 9.30 -14.31 -2.31
CA THR A 202 10.43 -15.21 -2.49
C THR A 202 10.49 -16.26 -1.37
N GLN A 203 10.23 -15.84 -0.14
CA GLN A 203 10.26 -16.75 0.99
C GLN A 203 9.08 -17.69 0.93
N LEU A 204 7.93 -17.19 0.50
CA LEU A 204 6.76 -18.06 0.34
C LEU A 204 7.08 -19.18 -0.64
N LYS A 205 7.67 -18.82 -1.77
CA LYS A 205 7.95 -19.80 -2.83
C LYS A 205 9.06 -20.77 -2.46
N ALA A 206 9.96 -20.34 -1.58
CA ALA A 206 11.06 -21.17 -1.11
C ALA A 206 10.63 -22.05 0.06
N GLY A 207 9.38 -21.90 0.49
CA GLY A 207 8.86 -22.66 1.62
C GLY A 207 9.34 -22.14 2.96
N LYS A 208 10.11 -21.04 2.95
CA LYS A 208 10.59 -20.43 4.18
C LYS A 208 9.47 -19.77 4.96
N LEU A 209 8.44 -19.30 4.24
CA LEU A 209 7.17 -18.96 4.89
C LEU A 209 6.11 -19.89 4.36
N ASP A 210 5.11 -20.17 5.18
CA ASP A 210 3.95 -20.94 4.73
C ASP A 210 2.83 -19.98 4.34
N ALA A 211 2.86 -18.77 4.87
CA ALA A 211 1.83 -17.81 4.53
C ALA A 211 2.33 -16.37 4.72
N PHE A 212 1.75 -15.46 3.96
CA PHE A 212 2.13 -14.04 4.03
C PHE A 212 0.85 -13.25 4.22
N ILE A 213 0.76 -12.52 5.33
CA ILE A 213 -0.43 -11.74 5.63
C ILE A 213 -0.14 -10.27 5.32
N TYR A 214 -0.95 -9.65 4.48
CA TYR A 214 -0.64 -8.29 4.04
C TYR A 214 -1.83 -7.59 3.44
N ASP A 215 -1.61 -6.33 3.04
CA ASP A 215 -2.61 -5.53 2.39
C ASP A 215 -3.30 -6.29 1.27
N ALA A 216 -4.63 -6.25 1.24
CA ALA A 216 -5.39 -7.09 0.33
C ALA A 216 -5.25 -6.66 -1.13
N ALA A 217 -5.26 -5.35 -1.38
CA ALA A 217 -5.21 -4.87 -2.76
C ALA A 217 -3.89 -5.27 -3.42
N VAL A 218 -2.81 -5.17 -2.67
CA VAL A 218 -1.50 -5.59 -3.16
C VAL A 218 -1.40 -7.12 -3.31
N LEU A 219 -1.80 -7.87 -2.29
CA LEU A 219 -1.72 -9.32 -2.35
C LEU A 219 -2.55 -9.92 -3.46
N ASN A 220 -3.77 -9.42 -3.60
CA ASN A 220 -4.62 -9.92 -4.67
C ASN A 220 -4.00 -9.69 -6.03
N TYR A 221 -3.39 -8.52 -6.22
CA TYR A 221 -2.69 -8.23 -7.47
C TYR A 221 -1.53 -9.20 -7.69
N MET A 222 -0.75 -9.44 -6.65
CA MET A 222 0.41 -10.32 -6.77
C MET A 222 -0.01 -11.74 -7.14
N ALA A 223 -1.14 -12.18 -6.59
CA ALA A 223 -1.69 -13.49 -6.92
C ALA A 223 -2.07 -13.53 -8.40
N ARG A 224 -2.69 -12.45 -8.88
CA ARG A 224 -3.13 -12.39 -10.27
C ARG A 224 -1.97 -12.37 -11.27
N LYS A 225 -0.79 -12.00 -10.79
CA LYS A 225 0.37 -11.84 -11.67
C LYS A 225 1.40 -12.95 -11.49
N ASP A 226 1.17 -13.86 -10.56
CA ASP A 226 2.17 -14.87 -10.21
C ASP A 226 2.50 -15.79 -11.39
N GLU A 227 3.76 -15.85 -11.80
CA GLU A 227 4.19 -16.75 -12.88
C GLU A 227 3.88 -18.19 -12.52
N GLY A 228 3.06 -18.85 -13.33
CA GLY A 228 2.66 -20.22 -13.05
C GLY A 228 1.40 -20.29 -12.20
N CYS A 229 0.95 -19.12 -11.74
CA CYS A 229 -0.23 -19.01 -10.88
C CYS A 229 -0.18 -19.96 -9.68
N LYS A 230 0.96 -19.98 -9.00
CA LYS A 230 1.19 -20.92 -7.92
C LYS A 230 0.94 -20.30 -6.55
N LEU A 231 0.68 -18.99 -6.51
CA LEU A 231 0.37 -18.31 -5.27
C LEU A 231 -1.08 -17.84 -5.25
N VAL A 232 -1.79 -18.13 -4.16
CA VAL A 232 -3.19 -17.77 -4.07
C VAL A 232 -3.48 -17.02 -2.77
N THR A 233 -4.50 -16.16 -2.79
CA THR A 233 -4.87 -15.45 -1.57
C THR A 233 -6.22 -15.89 -1.03
N ILE A 234 -6.34 -15.91 0.29
CA ILE A 234 -7.60 -16.14 0.97
C ILE A 234 -7.99 -14.82 1.66
N GLY A 235 -9.22 -14.37 1.43
CA GLY A 235 -9.71 -13.17 2.09
C GLY A 235 -9.79 -13.43 3.59
N SER A 236 -9.64 -12.39 4.39
CA SER A 236 -9.64 -12.58 5.84
C SER A 236 -11.04 -12.83 6.40
N GLY A 237 -12.06 -12.64 5.57
CA GLY A 237 -13.42 -12.82 6.02
C GLY A 237 -13.75 -11.88 7.16
N LYS A 238 -14.24 -12.42 8.27
CA LYS A 238 -14.65 -11.61 9.40
C LYS A 238 -13.49 -11.32 10.36
N VAL A 239 -12.36 -11.96 10.11
CA VAL A 239 -11.17 -11.81 10.96
C VAL A 239 -10.67 -10.36 10.96
N PHE A 240 -10.75 -9.70 9.81
CA PHE A 240 -10.34 -8.30 9.69
C PHE A 240 -11.35 -7.51 8.89
N ALA A 241 -11.45 -6.22 9.17
CA ALA A 241 -12.41 -5.37 8.47
C ALA A 241 -11.85 -4.87 7.15
N THR A 242 -12.75 -4.39 6.30
CA THR A 242 -12.38 -3.81 5.03
C THR A 242 -12.09 -2.34 5.27
N THR A 243 -11.20 -1.78 4.46
CA THR A 243 -10.96 -0.35 4.52
C THR A 243 -10.59 0.09 3.11
N GLY A 244 -9.87 1.19 2.96
CA GLY A 244 -9.55 1.67 1.63
C GLY A 244 -8.24 2.45 1.63
N TYR A 245 -7.68 2.71 0.46
CA TYR A 245 -6.58 3.66 0.32
C TYR A 245 -7.19 5.06 0.24
N GLY A 246 -6.56 6.02 0.91
CA GLY A 246 -7.02 7.40 0.83
C GLY A 246 -5.83 8.31 0.72
N ILE A 247 -6.04 9.50 0.18
CA ILE A 247 -4.95 10.46 0.07
C ILE A 247 -4.87 11.18 1.40
N ALA A 248 -3.70 11.24 2.02
CA ALA A 248 -3.58 11.95 3.29
C ALA A 248 -3.34 13.44 3.08
N LEU A 249 -4.01 14.26 3.89
CA LEU A 249 -3.90 15.71 3.81
C LEU A 249 -3.78 16.29 5.21
N HIS A 250 -3.29 17.53 5.33
CA HIS A 250 -3.22 18.19 6.63
C HIS A 250 -4.61 18.16 7.26
N LYS A 251 -4.67 17.92 8.57
CA LYS A 251 -5.93 18.01 9.29
C LYS A 251 -6.57 19.38 9.02
N GLY A 252 -7.79 19.37 8.50
CA GLY A 252 -8.49 20.61 8.16
C GLY A 252 -8.09 21.21 6.82
N SER A 253 -7.40 20.42 5.99
CA SER A 253 -6.93 20.89 4.69
C SER A 253 -8.04 21.43 3.81
N ARG A 254 -7.76 22.54 3.13
CA ARG A 254 -8.71 23.12 2.19
C ARG A 254 -8.76 22.27 0.93
N TRP A 255 -7.78 21.37 0.78
CA TRP A 255 -7.71 20.53 -0.41
C TRP A 255 -8.61 19.30 -0.35
N LYS A 256 -9.10 18.94 0.83
CA LYS A 256 -9.90 17.72 0.93
C LYS A 256 -11.13 17.76 0.04
N ARG A 257 -11.88 18.86 0.11
CA ARG A 257 -13.14 18.93 -0.63
C ARG A 257 -12.97 18.81 -2.15
N PRO A 258 -12.08 19.62 -2.76
CA PRO A 258 -11.93 19.53 -4.21
C PRO A 258 -11.40 18.16 -4.61
N ILE A 259 -10.48 17.61 -3.83
CA ILE A 259 -9.98 16.27 -4.11
C ILE A 259 -11.11 15.23 -4.02
N ASP A 260 -11.94 15.29 -2.99
CA ASP A 260 -13.04 14.34 -2.87
C ASP A 260 -13.97 14.42 -4.05
N LEU A 261 -14.35 15.64 -4.41
CA LEU A 261 -15.26 15.84 -5.54
C LEU A 261 -14.70 15.25 -6.83
N ALA A 262 -13.43 15.55 -7.10
CA ALA A 262 -12.77 14.97 -8.27
C ALA A 262 -12.79 13.44 -8.23
N LEU A 263 -12.42 12.87 -7.09
CA LEU A 263 -12.34 11.41 -6.98
C LEU A 263 -13.72 10.79 -7.18
N LEU A 264 -14.73 11.43 -6.61
CA LEU A 264 -16.08 10.91 -6.73
C LEU A 264 -16.53 11.00 -8.19
N GLN A 265 -16.10 12.06 -8.87
CA GLN A 265 -16.36 12.20 -10.30
C GLN A 265 -15.69 11.09 -11.11
N PHE A 266 -14.41 10.83 -10.82
CA PHE A 266 -13.66 9.77 -11.49
C PHE A 266 -14.34 8.42 -11.31
N LEU A 267 -14.79 8.15 -10.09
CA LEU A 267 -15.51 6.90 -9.84
C LEU A 267 -16.72 6.78 -10.78
N GLY A 268 -17.58 7.80 -10.79
CA GLY A 268 -18.80 7.75 -11.59
C GLY A 268 -18.59 7.74 -13.09
N ASP A 269 -17.46 8.28 -13.53
CA ASP A 269 -17.11 8.35 -14.94
C ASP A 269 -16.49 7.05 -15.43
N ASP A 270 -16.42 6.06 -14.54
CA ASP A 270 -15.72 4.80 -14.79
C ASP A 270 -14.22 4.98 -15.05
N GLU A 271 -13.69 6.14 -14.66
CA GLU A 271 -12.28 6.44 -14.84
C GLU A 271 -11.43 5.58 -13.89
N ILE A 272 -11.87 5.40 -12.65
CA ILE A 272 -11.15 4.54 -11.73
C ILE A 272 -11.23 3.09 -12.19
N GLU A 273 -12.41 2.66 -12.63
CA GLU A 273 -12.56 1.29 -13.12
C GLU A 273 -11.58 1.06 -14.26
N MET A 274 -11.50 2.03 -15.17
CA MET A 274 -10.54 1.96 -16.27
C MET A 274 -9.12 1.78 -15.75
N LEU A 275 -8.74 2.58 -14.75
CA LEU A 275 -7.40 2.50 -14.17
C LEU A 275 -7.12 1.17 -13.48
N GLU A 276 -8.15 0.56 -12.87
CA GLU A 276 -7.98 -0.77 -12.29
C GLU A 276 -7.67 -1.77 -13.41
N ARG A 277 -8.41 -1.69 -14.50
CA ARG A 277 -8.16 -2.57 -15.64
C ARG A 277 -6.75 -2.37 -16.18
N LEU A 278 -6.33 -1.11 -16.28
CA LEU A 278 -5.03 -0.77 -16.83
C LEU A 278 -3.87 -1.30 -15.97
N TRP A 279 -4.00 -1.14 -14.65
CA TRP A 279 -2.86 -1.37 -13.74
C TRP A 279 -2.92 -2.64 -12.91
N LEU A 280 -4.12 -3.14 -12.64
CA LEU A 280 -4.27 -4.15 -11.60
C LEU A 280 -4.74 -5.50 -12.15
N SER A 281 -4.83 -5.61 -13.47
CA SER A 281 -5.31 -6.86 -14.03
C SER A 281 -4.15 -7.84 -14.14
N GLY A 282 -4.49 -9.12 -14.17
CA GLY A 282 -3.49 -10.16 -14.35
C GLY A 282 -4.09 -11.41 -14.96
N ILE A 283 -3.26 -12.41 -15.18
CA ILE A 283 -3.68 -13.61 -15.91
C ILE A 283 -4.35 -14.66 -15.02
N CYS A 284 -3.90 -14.75 -13.76
CA CYS A 284 -4.34 -15.80 -12.87
C CYS A 284 -5.73 -15.52 -12.27
N HIS A 285 -6.52 -16.56 -12.07
CA HIS A 285 -7.84 -16.39 -11.45
C HIS A 285 -8.30 -17.63 -10.68
#